data_3O8I
#
_entry.id   3O8I
#
_cell.length_a   83.310
_cell.length_b   114.860
_cell.length_c   64.930
_cell.angle_alpha   90.000
_cell.angle_beta   90.000
_cell.angle_gamma   90.000
#
_symmetry.space_group_name_H-M   'C 2 2 21'
#
loop_
_entity.id
_entity.type
_entity.pdbx_description
1 polymer '14-3-3 protein sigma'
2 polymer '14-3-3 binding site peptide of RAF proto-oncogene serine/threonine-protein kinase'
3 non-polymer 6,6-dihydroxy-1-methoxyhexan-2-one
4 water water
#
loop_
_entity_poly.entity_id
_entity_poly.type
_entity_poly.pdbx_seq_one_letter_code
_entity_poly.pdbx_strand_id
1 'polypeptide(L)'
;GAMGSMGSMERASLIQKAKLAEQAERYEDMAAFMKGAVEKGEELSCEERNLLSVAYKNVVGGQRAAWRVLSSIEQKSNEE
GSEEKGPEVREYREKVETELQGVCDTVLGLLDSHLIKEAGDAESRVFYLKMKGDYYRYLAEVATGDDKKRIIDSARSAYQ
EAMDISKKEMPPTNPIRLGLALNFSVFHYEIANSPEEAISLAKTTFDEAMADLHTLSEDSYKDSTLIMQLLRDNLTLWT
;
A
2 'polypeptide(L)' QRST(SEP)TPNVH B
#
# COMPACT_ATOMS: atom_id res chain seq x y z
N MET A 6 -0.07 -24.61 -2.20
CA MET A 6 -0.16 -24.18 -3.67
C MET A 6 1.02 -24.75 -4.45
N GLY A 7 1.89 -25.50 -3.77
CA GLY A 7 3.15 -25.90 -4.43
C GLY A 7 2.99 -26.89 -5.60
N SER A 8 1.89 -27.66 -5.58
CA SER A 8 1.64 -28.65 -6.64
C SER A 8 0.86 -28.05 -7.82
N MET A 9 0.46 -26.76 -7.79
CA MET A 9 -0.33 -26.14 -8.93
C MET A 9 0.57 -25.28 -9.85
N GLU A 10 0.30 -25.30 -11.16
CA GLU A 10 1.09 -24.59 -12.16
C GLU A 10 0.99 -23.07 -11.91
N ARG A 11 2.09 -22.33 -12.06
CA ARG A 11 2.01 -20.83 -12.00
C ARG A 11 0.84 -20.22 -12.82
N ALA A 12 0.67 -20.65 -14.10
CA ALA A 12 -0.42 -20.10 -14.96
C ALA A 12 -1.83 -20.34 -14.39
N SER A 13 -2.02 -21.54 -13.82
CA SER A 13 -3.30 -21.88 -13.16
C SER A 13 -3.57 -21.00 -11.90
N LEU A 14 -2.55 -20.76 -11.06
CA LEU A 14 -2.70 -19.83 -9.88
C LEU A 14 -3.17 -18.42 -10.30
N ILE A 15 -2.54 -17.92 -11.33
CA ILE A 15 -2.84 -16.57 -11.84
C ILE A 15 -4.30 -16.56 -12.39
N GLN A 16 -4.68 -17.55 -13.19
CA GLN A 16 -6.08 -17.69 -13.67
C GLN A 16 -7.12 -17.74 -12.52
N LYS A 17 -6.84 -18.56 -11.50
CA LYS A 17 -7.73 -18.65 -10.32
C LYS A 17 -7.76 -17.35 -9.48
N ALA A 18 -6.63 -16.65 -9.39
CA ALA A 18 -6.69 -15.34 -8.73
C ALA A 18 -7.72 -14.41 -9.41
N LYS A 19 -7.80 -14.44 -10.75
CA LYS A 19 -8.72 -13.57 -11.52
C LYS A 19 -10.18 -13.98 -11.32
N LEU A 20 -10.44 -15.29 -11.28
CA LEU A 20 -11.77 -15.86 -10.93
C LEU A 20 -12.23 -15.42 -9.52
N ALA A 21 -11.34 -15.51 -8.53
CA ALA A 21 -11.63 -15.12 -7.14
C ALA A 21 -11.93 -13.62 -7.02
N GLU A 22 -11.15 -12.83 -7.73
CA GLU A 22 -11.51 -11.36 -7.87
C GLU A 22 -12.97 -11.11 -8.34
N GLN A 23 -13.38 -11.77 -9.44
CA GLN A 23 -14.77 -11.63 -9.99
C GLN A 23 -15.84 -12.11 -8.96
N ALA A 24 -15.49 -13.11 -8.17
CA ALA A 24 -16.41 -13.70 -7.21
C ALA A 24 -16.38 -12.96 -5.83
N GLU A 25 -15.54 -11.94 -5.72
CA GLU A 25 -15.30 -11.24 -4.42
C GLU A 25 -14.82 -12.15 -3.27
N ARG A 26 -13.96 -13.11 -3.57
CA ARG A 26 -13.38 -13.97 -2.58
C ARG A 26 -11.91 -13.55 -2.36
N TYR A 27 -11.70 -12.50 -1.56
CA TYR A 27 -10.37 -11.89 -1.45
C TYR A 27 -9.33 -12.68 -0.64
N GLU A 28 -9.76 -13.41 0.40
CA GLU A 28 -8.83 -14.33 1.09
C GLU A 28 -8.23 -15.47 0.16
N ASP A 29 -9.08 -16.11 -0.64
CA ASP A 29 -8.65 -17.06 -1.68
C ASP A 29 -7.73 -16.35 -2.75
N MET A 30 -8.14 -15.19 -3.25
CA MET A 30 -7.29 -14.39 -4.20
C MET A 30 -5.85 -14.18 -3.68
N ALA A 31 -5.74 -13.80 -2.41
CA ALA A 31 -4.44 -13.61 -1.75
C ALA A 31 -3.64 -14.89 -1.62
N ALA A 32 -4.30 -16.00 -1.28
CA ALA A 32 -3.57 -17.26 -1.19
C ALA A 32 -3.02 -17.72 -2.56
N PHE A 33 -3.84 -17.55 -3.63
CA PHE A 33 -3.39 -17.85 -4.99
C PHE A 33 -2.16 -16.97 -5.44
N MET A 34 -2.20 -15.66 -5.19
CA MET A 34 -1.06 -14.78 -5.56
C MET A 34 0.21 -15.05 -4.72
N LYS A 35 0.07 -15.40 -3.43
CA LYS A 35 1.24 -15.81 -2.64
C LYS A 35 1.92 -17.06 -3.24
N GLY A 36 1.10 -18.05 -3.62
CA GLY A 36 1.56 -19.24 -4.39
C GLY A 36 2.31 -18.85 -5.67
N ALA A 37 1.74 -17.94 -6.47
CA ALA A 37 2.42 -17.47 -7.66
C ALA A 37 3.75 -16.78 -7.35
N VAL A 38 3.79 -15.89 -6.36
CA VAL A 38 5.05 -15.24 -6.00
C VAL A 38 6.17 -16.29 -5.66
N GLU A 39 5.80 -17.26 -4.81
CA GLU A 39 6.76 -18.30 -4.34
C GLU A 39 7.28 -19.26 -5.44
N LYS A 40 6.72 -19.18 -6.65
CA LYS A 40 7.32 -19.86 -7.82
C LYS A 40 8.66 -19.26 -8.21
N GLY A 41 8.93 -18.03 -7.79
CA GLY A 41 10.25 -17.43 -8.02
C GLY A 41 10.51 -16.63 -9.28
N GLU A 42 9.60 -16.56 -10.24
CA GLU A 42 9.78 -15.67 -11.41
C GLU A 42 9.34 -14.21 -11.07
N GLU A 43 9.87 -13.25 -11.85
CA GLU A 43 9.48 -11.80 -11.78
C GLU A 43 8.03 -11.55 -12.18
N LEU A 44 7.35 -10.59 -11.56
CA LEU A 44 5.95 -10.35 -11.90
C LEU A 44 5.80 -9.31 -13.02
N SER A 45 4.83 -9.53 -13.90
CA SER A 45 4.40 -8.49 -14.83
C SER A 45 3.58 -7.38 -14.11
N CYS A 46 3.27 -6.30 -14.86
CA CYS A 46 2.46 -5.17 -14.35
C CYS A 46 1.02 -5.61 -13.93
N GLU A 47 0.33 -6.41 -14.77
CA GLU A 47 -0.99 -6.94 -14.36
C GLU A 47 -0.89 -7.85 -13.09
N GLU A 48 0.13 -8.70 -12.99
CA GLU A 48 0.34 -9.57 -11.78
C GLU A 48 0.62 -8.77 -10.47
N ARG A 49 1.48 -7.70 -10.50
CA ARG A 49 1.69 -6.82 -9.33
C ARG A 49 0.39 -6.20 -8.88
N ASN A 50 -0.45 -5.83 -9.83
N ASN A 50 -0.47 -5.82 -9.83
CA ASN A 50 -1.72 -5.22 -9.46
CA ASN A 50 -1.78 -5.24 -9.45
C ASN A 50 -2.69 -6.24 -8.83
C ASN A 50 -2.64 -6.29 -8.75
N LEU A 51 -2.72 -7.50 -9.31
CA LEU A 51 -3.52 -8.54 -8.66
C LEU A 51 -3.07 -8.76 -7.17
N LEU A 52 -1.76 -8.82 -6.96
CA LEU A 52 -1.19 -9.08 -5.61
C LEU A 52 -1.60 -7.92 -4.66
N SER A 53 -1.47 -6.70 -5.15
CA SER A 53 -1.84 -5.51 -4.37
C SER A 53 -3.36 -5.49 -4.04
N VAL A 54 -4.21 -5.69 -5.05
CA VAL A 54 -5.70 -5.67 -4.83
C VAL A 54 -6.13 -6.71 -3.75
N ALA A 55 -5.58 -7.96 -3.86
CA ALA A 55 -5.94 -9.04 -2.94
C ALA A 55 -5.60 -8.67 -1.47
N TYR A 56 -4.32 -8.38 -1.18
CA TYR A 56 -3.97 -8.03 0.21
C TYR A 56 -4.59 -6.73 0.74
N LYS A 57 -4.79 -5.75 -0.13
CA LYS A 57 -5.35 -4.49 0.37
C LYS A 57 -6.81 -4.66 0.85
N ASN A 58 -7.59 -5.45 0.10
CA ASN A 58 -8.94 -5.85 0.51
C ASN A 58 -8.96 -6.65 1.82
N VAL A 59 -8.05 -7.64 1.98
CA VAL A 59 -8.02 -8.42 3.24
C VAL A 59 -7.67 -7.52 4.45
N VAL A 60 -6.58 -6.76 4.32
N VAL A 60 -6.58 -6.77 4.34
CA VAL A 60 -6.17 -5.89 5.42
CA VAL A 60 -6.22 -5.90 5.44
C VAL A 60 -7.10 -4.69 5.61
C VAL A 60 -7.26 -4.82 5.65
N GLY A 61 -7.81 -4.29 4.56
CA GLY A 61 -8.84 -3.20 4.69
C GLY A 61 -10.03 -3.64 5.59
N GLY A 62 -10.53 -4.87 5.42
CA GLY A 62 -11.62 -5.41 6.30
C GLY A 62 -11.19 -5.52 7.76
N GLN A 63 -9.95 -5.95 7.98
CA GLN A 63 -9.42 -6.08 9.33
C GLN A 63 -9.24 -4.70 10.03
N ARG A 64 -8.71 -3.72 9.31
CA ARG A 64 -8.58 -2.34 9.87
C ARG A 64 -9.93 -1.72 10.24
N ALA A 65 -10.93 -1.85 9.37
CA ALA A 65 -12.28 -1.30 9.72
C ALA A 65 -12.92 -2.05 10.93
N ALA A 66 -12.73 -3.36 11.06
CA ALA A 66 -13.18 -4.03 12.31
C ALA A 66 -12.41 -3.55 13.60
N TRP A 67 -11.06 -3.47 13.55
CA TRP A 67 -10.24 -3.03 14.69
C TRP A 67 -10.71 -1.64 15.19
N ARG A 68 -11.11 -0.77 14.26
CA ARG A 68 -11.50 0.60 14.62
C ARG A 68 -12.88 0.68 15.30
N VAL A 69 -13.83 -0.13 14.82
CA VAL A 69 -15.14 -0.32 15.49
C VAL A 69 -14.95 -0.84 16.93
N LEU A 70 -14.13 -1.87 17.08
CA LEU A 70 -13.86 -2.48 18.41
C LEU A 70 -13.08 -1.56 19.38
N SER A 71 -12.01 -0.90 18.90
CA SER A 71 -11.30 0.13 19.70
C SER A 71 -12.21 1.26 20.23
N SER A 72 -13.11 1.72 19.37
CA SER A 72 -14.14 2.69 19.74
C SER A 72 -15.14 2.17 20.83
N ILE A 73 -15.62 0.95 20.68
CA ILE A 73 -16.41 0.34 21.78
C ILE A 73 -15.60 0.27 23.10
N GLU A 74 -14.37 -0.20 23.04
CA GLU A 74 -13.52 -0.35 24.22
C GLU A 74 -13.28 0.99 24.92
N GLN A 75 -13.02 2.02 24.11
CA GLN A 75 -12.89 3.41 24.58
C GLN A 75 -11.45 3.75 24.89
N GLY A 86 -15.51 -6.29 32.79
CA GLY A 86 -15.55 -7.48 31.92
C GLY A 86 -14.52 -7.43 30.78
N PRO A 87 -13.72 -8.52 30.63
CA PRO A 87 -12.56 -8.52 29.73
C PRO A 87 -12.89 -8.77 28.20
N GLU A 88 -14.18 -8.94 27.84
CA GLU A 88 -14.54 -9.47 26.51
C GLU A 88 -14.17 -8.55 25.31
N VAL A 89 -14.48 -7.27 25.43
CA VAL A 89 -14.13 -6.33 24.36
C VAL A 89 -12.61 -6.29 24.13
N ARG A 90 -11.82 -6.13 25.20
CA ARG A 90 -10.36 -6.14 25.07
C ARG A 90 -9.83 -7.45 24.47
N GLU A 91 -10.38 -8.59 24.90
CA GLU A 91 -9.93 -9.90 24.34
C GLU A 91 -10.21 -9.98 22.83
N TYR A 92 -11.42 -9.61 22.41
CA TYR A 92 -11.78 -9.79 20.98
C TYR A 92 -11.00 -8.75 20.06
N ARG A 93 -10.83 -7.54 20.57
CA ARG A 93 -9.97 -6.52 19.89
C ARG A 93 -8.49 -7.01 19.71
N GLU A 94 -7.92 -7.57 20.77
CA GLU A 94 -6.58 -8.21 20.64
C GLU A 94 -6.53 -9.37 19.65
N LYS A 95 -7.61 -10.15 19.56
CA LYS A 95 -7.68 -11.24 18.56
C LYS A 95 -7.60 -10.66 17.15
N VAL A 96 -8.43 -9.65 16.88
CA VAL A 96 -8.43 -9.06 15.55
C VAL A 96 -7.06 -8.42 15.23
N GLU A 97 -6.53 -7.66 16.21
CA GLU A 97 -5.22 -7.06 16.12
C GLU A 97 -4.08 -8.08 15.76
N THR A 98 -4.06 -9.22 16.43
CA THR A 98 -3.01 -10.24 16.06
C THR A 98 -3.16 -10.81 14.62
N GLU A 99 -4.39 -10.97 14.13
CA GLU A 99 -4.62 -11.48 12.74
C GLU A 99 -4.15 -10.40 11.72
N LEU A 100 -4.51 -9.14 12.01
N LEU A 100 -4.49 -9.14 11.99
CA LEU A 100 -4.03 -8.00 11.20
CA LEU A 100 -4.02 -8.05 11.12
C LEU A 100 -2.49 -8.01 11.12
C LEU A 100 -2.48 -7.98 11.12
N GLN A 101 -1.84 -8.21 12.27
CA GLN A 101 -0.38 -8.22 12.32
C GLN A 101 0.18 -9.40 11.53
N GLY A 102 -0.45 -10.56 11.61
CA GLY A 102 -0.02 -11.71 10.81
C GLY A 102 -0.08 -11.46 9.28
N VAL A 103 -1.12 -10.76 8.81
CA VAL A 103 -1.28 -10.45 7.37
C VAL A 103 -0.19 -9.48 6.90
N CYS A 104 0.03 -8.37 7.64
CA CYS A 104 1.11 -7.44 7.36
C CYS A 104 2.50 -8.14 7.39
N ASP A 105 2.76 -8.98 8.38
CA ASP A 105 4.05 -9.71 8.39
C ASP A 105 4.21 -10.70 7.21
N THR A 106 3.16 -11.39 6.77
CA THR A 106 3.24 -12.25 5.54
C THR A 106 3.64 -11.40 4.28
N VAL A 107 2.99 -10.25 4.08
CA VAL A 107 3.32 -9.40 2.90
C VAL A 107 4.78 -8.92 2.97
N LEU A 108 5.19 -8.33 4.11
CA LEU A 108 6.57 -7.84 4.28
C LEU A 108 7.56 -9.00 3.98
N GLY A 109 7.20 -10.22 4.39
CA GLY A 109 8.08 -11.39 4.10
C GLY A 109 8.24 -11.66 2.61
N LEU A 110 7.15 -11.54 1.84
CA LEU A 110 7.25 -11.69 0.35
C LEU A 110 8.14 -10.60 -0.28
N LEU A 111 7.99 -9.37 0.18
CA LEU A 111 8.74 -8.25 -0.38
C LEU A 111 10.23 -8.39 -0.08
N ASP A 112 10.57 -8.89 1.11
N ASP A 112 10.57 -8.89 1.10
CA ASP A 112 11.96 -9.13 1.56
CA ASP A 112 11.97 -9.04 1.47
C ASP A 112 12.59 -10.40 0.98
C ASP A 112 12.56 -10.43 1.12
N SER A 113 11.76 -11.27 0.42
CA SER A 113 12.16 -12.61 0.03
C SER A 113 11.55 -13.16 -1.28
N HIS A 114 11.87 -12.65 -2.47
CA HIS A 114 12.91 -11.67 -2.70
C HIS A 114 12.41 -10.64 -3.77
N LEU A 115 11.15 -10.20 -3.68
CA LEU A 115 10.62 -9.35 -4.73
C LEU A 115 11.46 -8.07 -4.93
N ILE A 116 11.73 -7.34 -3.84
CA ILE A 116 12.53 -6.10 -3.94
C ILE A 116 13.96 -6.30 -4.54
N LYS A 117 14.71 -7.23 -3.98
CA LYS A 117 16.06 -7.46 -4.46
C LYS A 117 16.15 -7.91 -5.95
N GLU A 118 15.19 -8.73 -6.41
CA GLU A 118 15.21 -9.20 -7.80
C GLU A 118 14.45 -8.32 -8.82
N ALA A 119 13.90 -7.19 -8.40
CA ALA A 119 13.11 -6.41 -9.36
C ALA A 119 13.95 -6.00 -10.61
N GLY A 120 13.34 -6.08 -11.79
CA GLY A 120 14.10 -5.84 -13.05
C GLY A 120 14.33 -4.40 -13.55
N ASP A 121 13.69 -3.41 -12.92
CA ASP A 121 13.76 -2.02 -13.31
C ASP A 121 13.17 -1.08 -12.22
N ALA A 122 13.21 0.24 -12.47
CA ALA A 122 12.69 1.28 -11.55
C ALA A 122 11.15 1.24 -11.28
N GLU A 123 10.35 1.16 -12.33
N GLU A 123 10.36 1.11 -12.35
CA GLU A 123 8.94 1.07 -12.24
CA GLU A 123 8.92 0.84 -12.29
C GLU A 123 8.53 -0.03 -11.22
C GLU A 123 8.60 -0.19 -11.18
N SER A 124 9.09 -1.22 -11.35
N SER A 124 9.10 -1.41 -11.35
CA SER A 124 8.80 -2.33 -10.43
CA SER A 124 8.83 -2.47 -10.38
C SER A 124 9.36 -2.19 -9.00
C SER A 124 9.38 -2.23 -8.97
N ARG A 125 10.59 -1.70 -8.86
CA ARG A 125 11.21 -1.51 -7.57
C ARG A 125 10.46 -0.45 -6.74
N VAL A 126 10.10 0.67 -7.38
CA VAL A 126 9.25 1.70 -6.70
C VAL A 126 7.91 1.11 -6.23
N PHE A 127 7.24 0.26 -7.05
CA PHE A 127 5.91 -0.31 -6.66
C PHE A 127 6.09 -1.11 -5.33
N TYR A 128 7.13 -1.92 -5.27
CA TYR A 128 7.40 -2.79 -4.11
C TYR A 128 7.81 -1.98 -2.89
N LEU A 129 8.62 -0.92 -3.04
CA LEU A 129 9.03 -0.12 -1.85
C LEU A 129 7.84 0.73 -1.31
N LYS A 130 7.00 1.23 -2.22
CA LYS A 130 5.71 1.82 -1.77
C LYS A 130 4.87 0.80 -0.90
N MET A 131 4.70 -0.44 -1.39
N MET A 131 4.71 -0.44 -1.38
CA MET A 131 3.99 -1.50 -0.64
CA MET A 131 3.98 -1.46 -0.59
C MET A 131 4.63 -1.70 0.74
C MET A 131 4.64 -1.67 0.77
N LYS A 132 5.97 -1.76 0.80
CA LYS A 132 6.69 -1.93 2.11
C LYS A 132 6.33 -0.78 3.11
N GLY A 133 6.37 0.47 2.61
CA GLY A 133 6.00 1.62 3.47
C GLY A 133 4.54 1.47 3.94
N ASP A 134 3.65 1.05 3.01
CA ASP A 134 2.16 0.98 3.36
C ASP A 134 1.91 -0.04 4.47
N TYR A 135 2.54 -1.22 4.38
CA TYR A 135 2.30 -2.30 5.40
C TYR A 135 3.00 -2.04 6.78
N TYR A 136 4.18 -1.39 6.80
CA TYR A 136 4.68 -0.89 8.11
C TYR A 136 3.73 0.21 8.66
N ARG A 137 3.20 1.05 7.79
CA ARG A 137 2.27 2.10 8.30
C ARG A 137 0.98 1.45 9.01
N TYR A 138 0.43 0.38 8.40
CA TYR A 138 -0.73 -0.30 9.00
C TYR A 138 -0.33 -0.95 10.36
N LEU A 139 0.87 -1.52 10.45
CA LEU A 139 1.38 -1.97 11.76
C LEU A 139 1.48 -0.80 12.77
N ALA A 140 1.87 0.39 12.30
CA ALA A 140 2.07 1.52 13.20
C ALA A 140 0.73 1.97 13.81
N GLU A 141 -0.36 1.88 13.03
CA GLU A 141 -1.66 2.34 13.49
C GLU A 141 -2.10 1.58 14.79
N VAL A 142 -1.70 0.32 14.96
CA VAL A 142 -2.12 -0.44 16.13
C VAL A 142 -0.97 -0.65 17.19
N ALA A 143 0.22 -0.12 16.95
CA ALA A 143 1.32 -0.23 17.93
C ALA A 143 1.33 0.89 19.00
N THR A 144 1.99 0.65 20.13
CA THR A 144 2.16 1.75 21.14
C THR A 144 3.61 2.20 21.45
N LYS A 148 7.54 0.13 18.02
CA LYS A 148 6.72 1.22 17.58
C LYS A 148 7.39 2.49 16.99
N LYS A 149 8.06 3.28 17.82
CA LYS A 149 8.94 4.28 17.21
C LYS A 149 9.78 3.55 16.16
N ARG A 150 10.22 2.32 16.43
CA ARG A 150 11.03 1.60 15.44
C ARG A 150 10.20 1.26 14.16
N ILE A 151 8.95 0.89 14.36
CA ILE A 151 8.07 0.58 13.20
C ILE A 151 7.91 1.86 12.32
N ILE A 152 7.77 3.02 12.95
CA ILE A 152 7.57 4.28 12.20
C ILE A 152 8.84 4.63 11.40
N ASP A 153 10.00 4.36 12.00
CA ASP A 153 11.28 4.60 11.34
C ASP A 153 11.46 3.70 10.10
N SER A 154 11.04 2.42 10.19
CA SER A 154 11.00 1.48 9.02
C SER A 154 10.05 1.89 7.87
N ALA A 155 8.83 2.34 8.20
CA ALA A 155 7.93 2.94 7.20
C ALA A 155 8.56 4.15 6.46
N ARG A 156 9.05 5.16 7.22
CA ARG A 156 9.69 6.38 6.68
C ARG A 156 10.83 6.09 5.73
N SER A 157 11.68 5.15 6.11
CA SER A 157 12.81 4.77 5.28
C SER A 157 12.46 4.04 3.94
N ALA A 158 11.51 3.10 3.95
CA ALA A 158 11.02 2.51 2.71
C ALA A 158 10.44 3.60 1.78
N TYR A 159 9.58 4.48 2.33
CA TYR A 159 8.95 5.58 1.51
C TYR A 159 10.06 6.52 0.91
N GLN A 160 11.08 6.87 1.71
CA GLN A 160 12.12 7.81 1.27
C GLN A 160 12.93 7.19 0.13
N GLU A 161 13.28 5.90 0.26
CA GLU A 161 14.00 5.21 -0.87
C GLU A 161 13.12 5.20 -2.12
N ALA A 162 11.84 4.83 -2.00
CA ALA A 162 10.97 4.90 -3.17
C ALA A 162 10.92 6.34 -3.78
N MET A 163 10.77 7.35 -2.94
CA MET A 163 10.75 8.75 -3.45
C MET A 163 12.03 9.09 -4.24
N ASP A 164 13.19 8.69 -3.71
CA ASP A 164 14.45 9.09 -4.38
C ASP A 164 14.57 8.49 -5.81
N ILE A 165 14.20 7.20 -5.96
CA ILE A 165 14.28 6.51 -7.25
C ILE A 165 13.26 7.13 -8.20
N SER A 166 12.06 7.41 -7.71
CA SER A 166 10.98 7.87 -8.61
C SER A 166 11.20 9.27 -9.18
N LYS A 167 11.86 10.11 -8.39
CA LYS A 167 12.18 11.46 -8.84
C LYS A 167 13.24 11.47 -9.95
N LYS A 168 14.18 10.51 -9.90
CA LYS A 168 15.17 10.31 -10.97
C LYS A 168 14.70 9.55 -12.20
N GLU A 169 13.75 8.59 -12.07
CA GLU A 169 13.40 7.66 -13.18
C GLU A 169 12.00 7.65 -13.78
N MET A 170 11.07 8.47 -13.33
CA MET A 170 9.68 8.37 -13.83
C MET A 170 9.16 9.79 -14.00
N PRO A 171 8.17 10.04 -14.89
CA PRO A 171 7.56 11.38 -14.95
C PRO A 171 6.64 11.73 -13.74
N PRO A 172 6.43 13.04 -13.50
CA PRO A 172 5.71 13.55 -12.34
C PRO A 172 4.25 13.16 -12.41
N THR A 173 3.79 12.75 -13.60
CA THR A 173 2.42 12.32 -13.77
C THR A 173 2.18 10.79 -13.65
N ASN A 174 3.26 10.00 -13.57
CA ASN A 174 3.13 8.52 -13.46
C ASN A 174 2.26 8.19 -12.21
N PRO A 175 1.19 7.37 -12.38
CA PRO A 175 0.25 7.13 -11.29
C PRO A 175 0.86 6.41 -10.05
N ILE A 176 1.91 5.59 -10.23
CA ILE A 176 2.56 4.97 -9.04
C ILE A 176 3.37 6.07 -8.28
N ARG A 177 4.06 6.97 -9.00
CA ARG A 177 4.79 8.11 -8.34
C ARG A 177 3.81 8.98 -7.58
N LEU A 178 2.70 9.32 -8.23
CA LEU A 178 1.63 10.10 -7.56
C LEU A 178 1.05 9.37 -6.30
N GLY A 179 0.70 8.07 -6.45
CA GLY A 179 0.06 7.33 -5.33
C GLY A 179 1.06 7.21 -4.17
N LEU A 180 2.33 7.12 -4.50
CA LEU A 180 3.39 7.00 -3.49
C LEU A 180 3.41 8.33 -2.69
N ALA A 181 3.42 9.48 -3.39
CA ALA A 181 3.44 10.79 -2.73
C ALA A 181 2.19 11.03 -1.88
N LEU A 182 1.00 10.71 -2.40
CA LEU A 182 -0.24 10.76 -1.60
C LEU A 182 -0.09 9.99 -0.24
N ASN A 183 0.27 8.73 -0.33
CA ASN A 183 0.45 7.90 0.90
C ASN A 183 1.54 8.37 1.91
N PHE A 184 2.69 8.85 1.42
CA PHE A 184 3.78 9.35 2.26
C PHE A 184 3.27 10.62 2.95
N SER A 185 2.43 11.38 2.25
CA SER A 185 1.78 12.59 2.84
CA SER A 185 1.88 12.57 2.90
C SER A 185 0.85 12.25 4.02
N VAL A 186 0.01 11.22 3.81
CA VAL A 186 -0.90 10.71 4.87
C VAL A 186 -0.05 10.17 6.09
N PHE A 187 1.01 9.42 5.79
CA PHE A 187 1.99 9.00 6.86
C PHE A 187 2.44 10.21 7.73
N HIS A 188 2.89 11.29 7.06
CA HIS A 188 3.41 12.49 7.77
C HIS A 188 2.32 13.08 8.68
N TYR A 189 1.12 13.23 8.13
CA TYR A 189 0.00 13.86 8.89
C TYR A 189 -0.62 12.95 10.05
N GLU A 190 -0.86 11.67 9.76
N GLU A 190 -0.84 11.67 9.73
CA GLU A 190 -1.67 10.84 10.68
CA GLU A 190 -1.63 10.75 10.57
C GLU A 190 -0.82 10.01 11.62
C GLU A 190 -0.79 10.04 11.61
N ILE A 191 0.44 9.75 11.25
CA ILE A 191 1.29 8.81 11.97
C ILE A 191 2.47 9.51 12.63
N ALA A 192 3.15 10.37 11.89
CA ALA A 192 4.36 10.95 12.45
C ALA A 192 4.19 12.41 12.97
N ASN A 193 2.98 12.86 13.17
CA ASN A 193 2.75 14.22 13.71
C ASN A 193 3.59 15.34 13.07
N SER A 194 3.66 15.36 11.73
CA SER A 194 4.34 16.46 11.05
C SER A 194 3.39 17.04 10.04
N PRO A 195 2.35 17.76 10.49
CA PRO A 195 1.47 18.39 9.50
C PRO A 195 2.10 19.38 8.46
N GLU A 196 3.12 20.20 8.83
CA GLU A 196 3.87 21.04 7.84
C GLU A 196 4.46 20.20 6.64
N GLU A 197 5.17 19.12 6.98
CA GLU A 197 5.74 18.23 5.95
C GLU A 197 4.63 17.63 5.01
N ALA A 198 3.50 17.18 5.59
CA ALA A 198 2.36 16.61 4.78
C ALA A 198 1.81 17.63 3.78
N ILE A 199 1.48 18.82 4.27
CA ILE A 199 1.00 19.96 3.43
C ILE A 199 1.97 20.34 2.30
N SER A 200 3.23 20.52 2.63
CA SER A 200 4.25 20.93 1.62
C SER A 200 4.45 19.84 0.52
N LEU A 201 4.55 18.61 0.95
CA LEU A 201 4.63 17.50 -0.02
C LEU A 201 3.38 17.40 -0.92
N ALA A 202 2.21 17.55 -0.34
CA ALA A 202 1.00 17.38 -1.15
C ALA A 202 0.93 18.49 -2.21
N LYS A 203 1.23 19.72 -1.75
CA LYS A 203 1.17 20.92 -2.61
C LYS A 203 2.23 20.90 -3.75
N THR A 204 3.49 20.60 -3.44
CA THR A 204 4.55 20.46 -4.46
C THR A 204 4.19 19.34 -5.47
N THR A 205 3.71 18.19 -4.96
CA THR A 205 3.29 17.09 -5.85
C THR A 205 2.18 17.47 -6.87
N PHE A 206 1.09 18.09 -6.40
CA PHE A 206 0.00 18.50 -7.24
C PHE A 206 0.47 19.50 -8.34
N ASP A 207 1.26 20.50 -7.93
CA ASP A 207 1.70 21.61 -8.85
C ASP A 207 2.58 21.06 -10.00
N GLU A 208 3.54 20.20 -9.67
CA GLU A 208 4.38 19.56 -10.68
C GLU A 208 3.63 18.59 -11.66
N ALA A 209 2.64 17.86 -11.15
CA ALA A 209 1.83 17.04 -12.09
C ALA A 209 0.94 17.91 -13.03
N MET A 210 0.36 18.96 -12.46
CA MET A 210 -0.43 19.92 -13.25
C MET A 210 0.36 20.42 -14.51
N ALA A 211 1.59 20.90 -14.29
CA ALA A 211 2.47 21.39 -15.37
C ALA A 211 2.84 20.35 -16.43
N ASP A 212 2.57 19.07 -16.15
CA ASP A 212 2.97 17.98 -17.05
C ASP A 212 1.74 17.29 -17.72
N LEU A 213 0.52 17.64 -17.34
CA LEU A 213 -0.65 17.04 -18.01
C LEU A 213 -0.65 17.08 -19.56
N HIS A 214 -0.14 18.17 -20.14
CA HIS A 214 -0.21 18.38 -21.60
C HIS A 214 0.50 17.24 -22.36
N THR A 215 1.31 16.46 -21.63
CA THR A 215 2.05 15.35 -22.27
C THR A 215 1.25 14.02 -22.25
N LEU A 216 0.14 13.93 -21.53
CA LEU A 216 -0.65 12.69 -21.59
C LEU A 216 -1.46 12.65 -22.90
N SER A 220 -3.71 7.71 -20.00
CA SER A 220 -2.57 8.39 -19.38
C SER A 220 -3.02 9.66 -18.65
N TYR A 221 -3.90 10.42 -19.30
CA TYR A 221 -4.46 11.63 -18.68
C TYR A 221 -5.54 11.32 -17.63
N LYS A 222 -6.40 10.33 -17.91
CA LYS A 222 -7.38 9.92 -16.88
C LYS A 222 -6.71 9.26 -15.69
N ASP A 223 -5.68 8.43 -15.89
CA ASP A 223 -5.10 7.77 -14.71
C ASP A 223 -4.63 8.81 -13.63
N SER A 224 -3.84 9.81 -14.06
CA SER A 224 -3.29 10.80 -13.15
C SER A 224 -4.34 11.70 -12.41
N THR A 225 -5.35 12.23 -13.14
CA THR A 225 -6.26 13.18 -12.52
C THR A 225 -7.01 12.58 -11.33
N LEU A 226 -7.15 11.26 -11.29
CA LEU A 226 -7.91 10.69 -10.16
C LEU A 226 -7.16 10.87 -8.80
N ILE A 227 -5.88 10.57 -8.77
CA ILE A 227 -5.05 10.76 -7.56
C ILE A 227 -4.82 12.25 -7.24
N MET A 228 -4.72 13.11 -8.26
CA MET A 228 -4.62 14.57 -8.04
C MET A 228 -5.80 15.14 -7.24
N GLN A 229 -6.98 14.66 -7.56
CA GLN A 229 -8.19 15.04 -6.84
C GLN A 229 -8.14 14.79 -5.31
N LEU A 230 -7.64 13.58 -4.95
CA LEU A 230 -7.41 13.19 -3.56
C LEU A 230 -6.35 14.05 -2.91
N LEU A 231 -5.28 14.39 -3.64
CA LEU A 231 -4.33 15.35 -3.05
C LEU A 231 -5.04 16.64 -2.65
N ARG A 232 -5.80 17.22 -3.57
CA ARG A 232 -6.58 18.45 -3.27
C ARG A 232 -7.58 18.31 -2.10
N ASP A 233 -8.39 17.25 -2.11
CA ASP A 233 -9.27 16.88 -0.94
C ASP A 233 -8.53 16.95 0.43
N ASN A 234 -7.38 16.29 0.53
CA ASN A 234 -6.65 16.29 1.76
C ASN A 234 -6.19 17.71 2.08
N LEU A 235 -5.63 18.42 1.09
CA LEU A 235 -5.21 19.83 1.36
C LEU A 235 -6.32 20.68 1.98
N THR A 236 -7.52 20.57 1.43
CA THR A 236 -8.70 21.29 1.96
C THR A 236 -8.97 20.95 3.42
N LEU A 237 -8.92 19.67 3.76
CA LEU A 237 -9.10 19.23 5.14
C LEU A 237 -8.07 19.78 6.13
N TRP A 238 -6.79 19.77 5.72
CA TRP A 238 -5.66 20.05 6.62
C TRP A 238 -5.43 21.55 6.85
N THR A 239 -6.11 22.37 6.06
CA THR A 239 -5.68 23.73 5.82
C THR A 239 -6.82 24.75 5.94
N ARG B 2 -11.01 11.44 8.56
CA ARG B 2 -9.79 10.68 8.16
C ARG B 2 -9.31 11.18 6.80
N SER B 3 -8.00 11.32 6.64
CA SER B 3 -7.39 11.65 5.34
C SER B 3 -7.66 10.48 4.43
N THR B 4 -7.56 10.69 3.11
CA THR B 4 -7.75 9.61 2.11
C THR B 4 -6.40 9.20 1.52
N THR B 6 -4.38 6.13 -1.30
N THR B 6 -4.37 6.12 -1.29
CA THR B 6 -4.67 5.65 -2.64
CA THR B 6 -4.60 5.64 -2.68
C THR B 6 -5.73 4.55 -2.60
C THR B 6 -5.57 4.45 -2.80
N PRO B 7 -6.71 4.63 -3.51
CA PRO B 7 -7.76 3.60 -3.56
C PRO B 7 -7.28 2.38 -4.31
N ASN B 8 -8.04 1.32 -4.05
CA ASN B 8 -7.71 0.00 -4.47
C ASN B 8 -8.25 -0.28 -5.84
N VAL B 9 -7.52 0.15 -6.88
CA VAL B 9 -8.06 0.04 -8.25
C VAL B 9 -8.26 -1.40 -8.71
#